data_4Z51
#
_entry.id   4Z51
#
_cell.length_a   51.280
_cell.length_b   74.270
_cell.length_c   79.210
_cell.angle_alpha   90.000
_cell.angle_beta   108.500
_cell.angle_gamma   90.000
#
_symmetry.space_group_name_H-M   'C 1 2 1'
#
loop_
_entity.id
_entity.type
_entity.pdbx_description
1 polymer 'Neuronal-specific septin-3'
2 non-polymer 'PHOSPHOAMINOPHOSPHONIC ACID-GUANYLATE ESTER'
3 non-polymer 'MAGNESIUM ION'
4 water water
#
_entity_poly.entity_id   1
_entity_poly.type   'polypeptide(L)'
_entity_poly.pdbx_seq_one_letter_code
;FDFNIMVVGQSGLGKSTLVNTLFKSQVSRKASSWNREEKIPKTVEIKAIGHVIEEGGVKMKLTVIDTPGFGDQINNENCW
EPIEKYINEQYEKFLKEEVNIARKKRIPDTRVHCCLYFISPTGHSLRPLDLEFMKHLSKVVNIIPVIAKADTMTLEEKSE
FKQRVRKELEVNGIEFYPQKEFDEDLEDKTENDKIRQESMPFAVVGSDKEYQVNGKRVLGRKTPWGIIEVENLNHCEFAL
LRDFVIRTHLQDLKEVTHNIHYETYRAKRLN
;
_entity_poly.pdbx_strand_id   A
#
# COMPACT_ATOMS: atom_id res chain seq x y z
N PHE A 1 -2.72 8.50 -18.48
CA PHE A 1 -3.36 7.71 -17.43
C PHE A 1 -2.33 7.24 -16.41
N ASP A 2 -2.09 8.07 -15.41
CA ASP A 2 -1.11 7.76 -14.38
C ASP A 2 -1.78 7.31 -13.10
N PHE A 3 -1.24 6.26 -12.48
CA PHE A 3 -1.67 5.85 -11.16
C PHE A 3 -0.46 5.49 -10.33
N ASN A 4 -0.34 6.13 -9.17
CA ASN A 4 0.85 6.03 -8.34
C ASN A 4 0.55 5.45 -6.96
N ILE A 5 1.23 4.36 -6.64
CA ILE A 5 1.10 3.68 -5.36
C ILE A 5 2.39 3.75 -4.57
N MET A 6 2.32 4.08 -3.30
CA MET A 6 3.50 4.05 -2.44
C MET A 6 3.39 2.91 -1.41
N VAL A 7 4.51 2.25 -1.11
CA VAL A 7 4.55 1.29 0.00
C VAL A 7 5.41 1.84 1.13
N VAL A 8 4.90 1.75 2.35
CA VAL A 8 5.62 2.26 3.52
C VAL A 8 5.44 1.33 4.71
N GLY A 9 6.40 1.33 5.62
CA GLY A 9 6.33 0.43 6.75
C GLY A 9 7.69 0.10 7.28
N GLN A 10 7.71 -0.55 8.44
CA GLN A 10 8.97 -0.96 9.06
C GLN A 10 9.85 -1.80 8.11
N SER A 11 11.17 -1.64 8.24
CA SER A 11 12.11 -2.41 7.44
C SER A 11 11.90 -3.92 7.63
N GLY A 12 12.01 -4.67 6.55
CA GLY A 12 11.96 -6.12 6.61
C GLY A 12 10.57 -6.74 6.56
N LEU A 13 9.57 -5.95 6.21
CA LEU A 13 8.19 -6.44 6.20
C LEU A 13 7.76 -7.00 4.83
N GLY A 14 8.64 -6.91 3.84
CA GLY A 14 8.35 -7.46 2.51
C GLY A 14 7.77 -6.45 1.54
N LYS A 15 8.01 -5.16 1.79
CA LYS A 15 7.47 -4.11 0.94
C LYS A 15 7.98 -4.21 -0.51
N SER A 16 9.30 -4.29 -0.69
CA SER A 16 9.89 -4.40 -2.01
C SER A 16 9.47 -5.69 -2.73
N THR A 17 9.32 -6.77 -1.96
CA THR A 17 8.88 -8.03 -2.52
C THR A 17 7.45 -7.88 -3.04
N LEU A 18 6.60 -7.17 -2.30
CA LEU A 18 5.20 -6.98 -2.73
C LEU A 18 5.12 -6.08 -3.96
N VAL A 19 6.05 -5.12 -4.07
CA VAL A 19 6.13 -4.30 -5.28
C VAL A 19 6.34 -5.19 -6.51
N ASN A 20 7.32 -6.06 -6.44
CA ASN A 20 7.58 -6.99 -7.53
C ASN A 20 6.41 -7.93 -7.78
N THR A 21 5.74 -8.31 -6.69
CA THR A 21 4.59 -9.21 -6.81
C THR A 21 3.44 -8.53 -7.55
N LEU A 22 3.24 -7.24 -7.27
CA LEU A 22 2.19 -6.46 -7.92
C LEU A 22 2.38 -6.42 -9.44
N PHE A 23 3.59 -6.08 -9.85
CA PHE A 23 3.89 -5.99 -11.27
C PHE A 23 3.85 -7.34 -11.94
N LYS A 24 4.38 -8.36 -11.27
CA LYS A 24 4.52 -9.68 -11.86
C LYS A 24 3.17 -10.39 -12.00
N SER A 25 2.23 -10.07 -11.11
CA SER A 25 0.89 -10.65 -11.19
C SER A 25 0.07 -9.99 -12.30
N GLN A 26 0.56 -8.87 -12.80
CA GLN A 26 -0.11 -8.11 -13.86
C GLN A 26 0.56 -8.33 -15.22
N ASN A 35 11.73 -12.05 -15.91
CA ASN A 35 11.57 -13.50 -15.88
C ASN A 35 12.67 -14.18 -15.08
N ARG A 36 13.44 -13.38 -14.34
CA ARG A 36 14.43 -13.92 -13.42
C ARG A 36 13.92 -13.74 -12.00
N GLU A 37 14.52 -14.45 -11.05
CA GLU A 37 14.09 -14.39 -9.66
C GLU A 37 15.26 -14.04 -8.74
N GLU A 38 15.92 -12.93 -9.04
CA GLU A 38 17.09 -12.49 -8.30
C GLU A 38 16.72 -11.95 -6.92
N LYS A 39 17.66 -12.03 -5.98
CA LYS A 39 17.42 -11.55 -4.63
C LYS A 39 17.13 -10.05 -4.65
N ILE A 40 16.19 -9.63 -3.83
CA ILE A 40 15.81 -8.23 -3.75
C ILE A 40 16.62 -7.53 -2.65
N PRO A 41 17.35 -6.46 -3.02
CA PRO A 41 18.22 -5.80 -2.06
C PRO A 41 17.45 -4.95 -1.04
N LYS A 42 18.04 -4.76 0.14
CA LYS A 42 17.45 -3.85 1.11
C LYS A 42 17.36 -2.46 0.49
N THR A 43 16.25 -1.77 0.72
CA THR A 43 16.00 -0.49 0.05
C THR A 43 16.65 0.66 0.81
N VAL A 44 17.52 1.40 0.13
CA VAL A 44 18.32 2.45 0.74
C VAL A 44 17.76 3.85 0.43
N GLU A 45 17.13 3.99 -0.73
CA GLU A 45 16.58 5.27 -1.14
C GLU A 45 15.16 5.12 -1.69
N ILE A 46 14.42 6.22 -1.71
CA ILE A 46 13.09 6.22 -2.30
C ILE A 46 13.21 6.09 -3.81
N LYS A 47 12.54 5.09 -4.38
CA LYS A 47 12.64 4.83 -5.82
C LYS A 47 11.26 4.60 -6.43
N ALA A 48 10.98 5.32 -7.51
CA ALA A 48 9.72 5.15 -8.23
C ALA A 48 9.90 4.20 -9.40
N ILE A 49 9.28 3.03 -9.31
CA ILE A 49 9.32 2.04 -10.38
C ILE A 49 8.05 2.11 -11.21
N GLY A 50 8.20 2.38 -12.50
CA GLY A 50 7.05 2.52 -13.37
C GLY A 50 7.03 1.57 -14.55
N HIS A 51 5.86 0.99 -14.81
CA HIS A 51 5.67 0.12 -15.97
C HIS A 51 4.30 0.33 -16.58
N VAL A 52 4.23 0.24 -17.91
CA VAL A 52 3.00 0.49 -18.63
C VAL A 52 2.18 -0.78 -18.80
N ILE A 53 0.90 -0.71 -18.45
CA ILE A 53 0.00 -1.83 -18.61
C ILE A 53 -1.14 -1.49 -19.57
N VAL A 58 -7.75 0.48 -19.99
CA VAL A 58 -6.86 0.77 -21.11
C VAL A 58 -5.40 0.80 -20.66
N LYS A 59 -4.57 1.52 -21.41
CA LYS A 59 -3.16 1.66 -21.08
C LYS A 59 -2.96 2.51 -19.83
N MET A 60 -2.48 1.88 -18.77
CA MET A 60 -2.22 2.57 -17.52
C MET A 60 -0.74 2.55 -17.18
N LYS A 61 -0.17 3.72 -16.92
CA LYS A 61 1.20 3.78 -16.42
C LYS A 61 1.19 3.62 -14.91
N LEU A 62 1.48 2.40 -14.45
CA LEU A 62 1.48 2.10 -13.03
C LEU A 62 2.85 2.35 -12.41
N THR A 63 2.90 3.27 -11.47
CA THR A 63 4.15 3.56 -10.77
C THR A 63 4.01 3.16 -9.31
N VAL A 64 4.98 2.40 -8.83
CA VAL A 64 5.00 2.04 -7.43
C VAL A 64 6.24 2.67 -6.81
N ILE A 65 6.02 3.42 -5.74
CA ILE A 65 7.13 4.10 -5.06
C ILE A 65 7.58 3.28 -3.87
N ASP A 66 8.78 2.72 -3.98
CA ASP A 66 9.36 1.91 -2.92
C ASP A 66 10.10 2.85 -1.97
N THR A 67 10.03 2.56 -0.68
CA THR A 67 10.62 3.41 0.33
C THR A 67 11.47 2.59 1.30
N PRO A 68 12.58 3.16 1.77
CA PRO A 68 13.35 2.50 2.84
C PRO A 68 12.48 2.33 4.07
N GLY A 69 12.48 1.14 4.66
CA GLY A 69 11.71 0.92 5.86
C GLY A 69 12.22 1.76 7.02
N PHE A 70 11.36 2.00 8.00
CA PHE A 70 11.75 2.76 9.18
C PHE A 70 11.72 1.88 10.43
N GLY A 71 11.84 2.51 11.58
CA GLY A 71 11.71 1.83 12.86
C GLY A 71 12.91 0.99 13.25
N ASP A 72 13.98 1.09 12.48
CA ASP A 72 15.17 0.29 12.72
C ASP A 72 16.25 1.09 13.42
N GLN A 73 15.85 2.16 14.12
CA GLN A 73 16.81 2.92 14.92
C GLN A 73 16.42 2.85 16.38
N ILE A 74 17.35 3.23 17.26
CA ILE A 74 17.05 3.29 18.68
C ILE A 74 16.02 4.39 18.93
N ASN A 75 16.26 5.56 18.35
CA ASN A 75 15.31 6.66 18.42
C ASN A 75 14.68 6.93 17.05
N ASN A 76 13.38 6.65 16.93
CA ASN A 76 12.69 6.79 15.66
C ASN A 76 11.82 8.05 15.57
N GLU A 77 12.10 9.02 16.43
CA GLU A 77 11.42 10.31 16.35
C GLU A 77 11.61 10.93 14.96
N ASN A 78 10.53 11.49 14.42
CA ASN A 78 10.57 12.20 13.14
C ASN A 78 11.04 11.37 11.95
N CYS A 79 10.90 10.05 12.02
CA CYS A 79 11.36 9.20 10.94
C CYS A 79 10.40 9.25 9.74
N TRP A 80 9.24 9.87 9.94
CA TRP A 80 8.23 10.00 8.89
C TRP A 80 8.49 11.18 7.95
N GLU A 81 9.39 12.07 8.34
CA GLU A 81 9.65 13.29 7.57
C GLU A 81 10.17 13.06 6.14
N PRO A 82 11.05 12.07 5.92
CA PRO A 82 11.42 11.84 4.52
C PRO A 82 10.26 11.44 3.63
N ILE A 83 9.36 10.60 4.16
CA ILE A 83 8.17 10.18 3.41
C ILE A 83 7.22 11.36 3.16
N GLU A 84 6.98 12.15 4.21
CA GLU A 84 6.15 13.34 4.08
C GLU A 84 6.75 14.29 3.05
N LYS A 85 8.07 14.44 3.10
CA LYS A 85 8.77 15.32 2.18
C LYS A 85 8.54 14.90 0.73
N TYR A 86 8.67 13.61 0.43
CA TYR A 86 8.45 13.13 -0.93
C TYR A 86 7.01 13.39 -1.38
N ILE A 87 6.05 13.06 -0.53
CA ILE A 87 4.63 13.27 -0.83
C ILE A 87 4.32 14.74 -1.12
N ASN A 88 4.83 15.63 -0.27
CA ASN A 88 4.61 17.05 -0.47
C ASN A 88 5.32 17.56 -1.73
N GLU A 89 6.46 16.97 -2.05
CA GLU A 89 7.21 17.36 -3.25
C GLU A 89 6.40 17.10 -4.52
N GLN A 90 5.63 16.02 -4.54
CA GLN A 90 4.79 15.70 -5.69
C GLN A 90 3.61 16.67 -5.80
N TYR A 91 3.05 17.05 -4.66
CA TYR A 91 2.01 18.07 -4.63
C TYR A 91 2.53 19.41 -5.14
N GLU A 92 3.73 19.79 -4.69
CA GLU A 92 4.33 21.06 -5.08
C GLU A 92 4.62 21.06 -6.58
N LYS A 93 5.12 19.93 -7.08
CA LYS A 93 5.37 19.75 -8.50
C LYS A 93 4.09 19.90 -9.32
N PHE A 94 3.03 19.23 -8.89
CA PHE A 94 1.74 19.33 -9.59
C PHE A 94 1.19 20.75 -9.54
N LEU A 95 1.32 21.40 -8.39
CA LEU A 95 0.90 22.79 -8.22
C LEU A 95 1.60 23.70 -9.21
N LYS A 96 2.89 23.48 -9.39
CA LYS A 96 3.70 24.34 -10.25
C LYS A 96 3.45 24.07 -11.72
N GLU A 97 3.04 22.84 -12.04
CA GLU A 97 2.80 22.48 -13.43
C GLU A 97 1.34 22.64 -13.83
N GLU A 98 0.48 22.84 -12.84
CA GLU A 98 -0.92 23.18 -13.10
C GLU A 98 -0.99 24.43 -13.98
N VAL A 99 -0.17 25.42 -13.64
CA VAL A 99 0.03 26.58 -14.50
C VAL A 99 0.71 26.12 -15.78
N ASN A 100 -0.08 25.51 -16.65
CA ASN A 100 0.41 24.85 -17.86
C ASN A 100 0.98 25.81 -18.89
N ILE A 101 2.10 26.46 -18.55
CA ILE A 101 2.74 27.42 -19.44
C ILE A 101 3.19 26.78 -20.76
N ALA A 102 3.62 25.52 -20.67
CA ALA A 102 4.06 24.78 -21.85
C ALA A 102 2.90 24.44 -22.78
N ARG A 103 1.68 24.71 -22.32
CA ARG A 103 0.46 24.49 -23.10
C ARG A 103 0.33 23.03 -23.54
N LYS A 104 0.64 22.12 -22.63
CA LYS A 104 0.49 20.69 -22.87
C LYS A 104 -0.97 20.28 -22.69
N LYS A 105 -1.45 19.41 -23.57
CA LYS A 105 -2.81 18.91 -23.50
C LYS A 105 -3.01 18.02 -22.28
N ARG A 106 -1.98 17.24 -21.97
CA ARG A 106 -2.01 16.33 -20.82
C ARG A 106 -0.87 16.66 -19.86
N ILE A 107 -1.19 16.66 -18.57
CA ILE A 107 -0.19 17.00 -17.56
C ILE A 107 0.17 15.79 -16.71
N PRO A 108 1.47 15.49 -16.61
CA PRO A 108 1.95 14.32 -15.86
C PRO A 108 1.62 14.43 -14.37
N ASP A 109 1.13 13.33 -13.81
CA ASP A 109 0.74 13.27 -12.41
C ASP A 109 1.65 12.31 -11.63
N THR A 110 2.47 12.86 -10.74
CA THR A 110 3.35 12.04 -9.92
C THR A 110 2.88 12.01 -8.47
N ARG A 111 1.69 12.55 -8.22
CA ARG A 111 1.13 12.55 -6.86
C ARG A 111 0.81 11.13 -6.39
N VAL A 112 1.13 10.85 -5.13
CA VAL A 112 0.81 9.56 -4.53
C VAL A 112 -0.71 9.43 -4.36
N HIS A 113 -1.32 8.51 -5.10
CA HIS A 113 -2.77 8.34 -5.07
C HIS A 113 -3.20 7.33 -4.01
N CYS A 114 -2.23 6.54 -3.55
CA CYS A 114 -2.53 5.40 -2.69
C CYS A 114 -1.25 5.03 -1.94
N CYS A 115 -1.37 4.84 -0.62
CA CYS A 115 -0.21 4.45 0.17
C CYS A 115 -0.55 3.20 0.96
N LEU A 116 0.14 2.11 0.65
CA LEU A 116 -0.03 0.87 1.39
C LEU A 116 0.84 0.89 2.64
N TYR A 117 0.19 0.78 3.80
CA TYR A 117 0.91 0.85 5.05
C TYR A 117 1.03 -0.55 5.64
N PHE A 118 2.27 -1.06 5.66
CA PHE A 118 2.54 -2.42 6.12
C PHE A 118 2.64 -2.51 7.64
N ILE A 119 1.85 -3.42 8.21
CA ILE A 119 1.79 -3.63 9.65
C ILE A 119 2.37 -5.00 9.98
N SER A 120 3.34 -5.05 10.88
CA SER A 120 3.92 -6.33 11.29
C SER A 120 2.94 -7.19 12.08
N PRO A 121 2.83 -8.48 11.72
CA PRO A 121 1.92 -9.40 12.41
C PRO A 121 2.49 -9.88 13.74
N THR A 122 2.34 -9.04 14.77
CA THR A 122 2.89 -9.34 16.08
C THR A 122 1.92 -10.14 16.95
N GLY A 123 0.63 -10.03 16.65
CA GLY A 123 -0.39 -10.62 17.48
C GLY A 123 -0.78 -9.74 18.67
N HIS A 124 -0.15 -8.56 18.77
CA HIS A 124 -0.45 -7.66 19.88
C HIS A 124 -1.02 -6.33 19.39
N SER A 125 -1.20 -5.38 20.30
CA SER A 125 -1.71 -4.07 19.92
C SER A 125 -0.77 -3.38 18.95
N LEU A 126 -1.33 -2.54 18.08
CA LEU A 126 -0.55 -1.73 17.15
C LEU A 126 0.51 -0.90 17.89
N ARG A 127 1.66 -0.74 17.25
CA ARG A 127 2.78 -0.03 17.86
C ARG A 127 2.57 1.48 17.76
N PRO A 128 2.91 2.22 18.83
CA PRO A 128 2.83 3.67 18.83
C PRO A 128 3.46 4.30 17.60
N LEU A 129 4.59 3.75 17.15
CA LEU A 129 5.26 4.29 15.97
C LEU A 129 4.36 4.21 14.73
N ASP A 130 3.73 3.05 14.53
CA ASP A 130 2.83 2.87 13.39
C ASP A 130 1.59 3.75 13.51
N LEU A 131 1.07 3.89 14.73
CA LEU A 131 -0.10 4.74 14.94
C LEU A 131 0.22 6.19 14.62
N GLU A 132 1.39 6.66 15.05
CA GLU A 132 1.80 8.04 14.81
C GLU A 132 2.05 8.25 13.32
N PHE A 133 2.72 7.30 12.69
CA PHE A 133 3.05 7.37 11.28
C PHE A 133 1.77 7.43 10.44
N MET A 134 0.84 6.54 10.74
CA MET A 134 -0.43 6.49 10.02
C MET A 134 -1.26 7.74 10.24
N LYS A 135 -1.26 8.25 11.47
CA LYS A 135 -1.93 9.50 11.76
C LYS A 135 -1.42 10.62 10.87
N HIS A 136 -0.10 10.71 10.72
CA HIS A 136 0.51 11.74 9.89
C HIS A 136 0.12 11.60 8.42
N LEU A 137 0.27 10.39 7.88
CA LEU A 137 0.02 10.17 6.45
C LEU A 137 -1.45 10.31 6.09
N SER A 138 -2.33 9.88 6.99
CA SER A 138 -3.77 9.83 6.72
C SER A 138 -4.35 11.19 6.36
N LYS A 139 -3.67 12.27 6.77
CA LYS A 139 -4.18 13.61 6.52
C LYS A 139 -3.58 14.22 5.25
N VAL A 140 -2.68 13.50 4.59
CA VAL A 140 -2.03 14.04 3.39
C VAL A 140 -2.18 13.09 2.20
N VAL A 141 -2.55 11.84 2.47
CA VAL A 141 -2.61 10.82 1.44
C VAL A 141 -3.64 9.75 1.82
N ASN A 142 -4.12 9.01 0.83
CA ASN A 142 -4.95 7.82 1.08
C ASN A 142 -4.15 6.65 1.61
N ILE A 143 -4.37 6.26 2.86
CA ILE A 143 -3.64 5.10 3.37
C ILE A 143 -4.53 3.86 3.40
N ILE A 144 -3.95 2.73 3.02
CA ILE A 144 -4.61 1.44 3.07
C ILE A 144 -3.80 0.50 3.96
N PRO A 145 -4.41 0.03 5.05
CA PRO A 145 -3.67 -0.82 6.00
C PRO A 145 -3.52 -2.25 5.49
N VAL A 146 -2.30 -2.74 5.56
CA VAL A 146 -1.98 -4.07 5.08
C VAL A 146 -1.24 -4.84 6.18
N ILE A 147 -1.64 -6.08 6.43
CA ILE A 147 -0.86 -6.90 7.34
C ILE A 147 0.20 -7.67 6.56
N ALA A 148 1.46 -7.37 6.86
CA ALA A 148 2.58 -7.96 6.14
C ALA A 148 2.79 -9.41 6.53
N LYS A 149 3.40 -10.17 5.62
CA LYS A 149 3.85 -11.53 5.91
C LYS A 149 2.78 -12.32 6.62
N ALA A 150 1.57 -12.34 6.05
CA ALA A 150 0.41 -12.96 6.68
C ALA A 150 0.59 -14.46 6.89
N ASP A 151 1.53 -15.05 6.17
CA ASP A 151 1.83 -16.47 6.33
C ASP A 151 2.39 -16.77 7.72
N THR A 152 2.83 -15.74 8.43
CA THR A 152 3.37 -15.98 9.76
C THR A 152 2.25 -16.16 10.81
N MET A 153 0.99 -16.01 10.39
CA MET A 153 -0.14 -16.22 11.31
C MET A 153 -0.96 -17.46 10.95
N THR A 154 -1.43 -18.18 11.96
CA THR A 154 -2.44 -19.22 11.75
C THR A 154 -3.76 -18.56 11.41
N LEU A 155 -4.74 -19.37 10.99
CA LEU A 155 -6.07 -18.84 10.69
C LEU A 155 -6.65 -18.11 11.90
N GLU A 156 -6.60 -18.74 13.06
CA GLU A 156 -7.16 -18.15 14.28
C GLU A 156 -6.45 -16.86 14.66
N GLU A 157 -5.12 -16.89 14.60
CA GLU A 157 -4.34 -15.70 14.91
C GLU A 157 -4.68 -14.54 13.97
N LYS A 158 -4.84 -14.85 12.68
CA LYS A 158 -5.08 -13.82 11.67
C LYS A 158 -6.44 -13.15 11.85
N SER A 159 -7.47 -13.96 12.12
CA SER A 159 -8.81 -13.44 12.39
C SER A 159 -8.81 -12.50 13.60
N GLU A 160 -8.16 -12.93 14.68
CA GLU A 160 -8.06 -12.12 15.90
C GLU A 160 -7.31 -10.82 15.64
N PHE A 161 -6.21 -10.90 14.90
CA PHE A 161 -5.37 -9.74 14.70
C PHE A 161 -6.01 -8.73 13.75
N LYS A 162 -6.69 -9.20 12.71
CA LYS A 162 -7.43 -8.30 11.83
C LYS A 162 -8.46 -7.51 12.63
N GLN A 163 -9.19 -8.21 13.51
CA GLN A 163 -10.21 -7.59 14.34
C GLN A 163 -9.58 -6.56 15.29
N ARG A 164 -8.45 -6.94 15.89
CA ARG A 164 -7.74 -6.05 16.79
C ARG A 164 -7.25 -4.80 16.06
N VAL A 165 -6.68 -4.99 14.87
CA VAL A 165 -6.17 -3.86 14.08
C VAL A 165 -7.31 -2.89 13.73
N ARG A 166 -8.43 -3.42 13.26
CA ARG A 166 -9.60 -2.58 12.95
C ARG A 166 -10.04 -1.76 14.16
N LYS A 167 -10.12 -2.42 15.32
CA LYS A 167 -10.58 -1.75 16.53
C LYS A 167 -9.63 -0.63 16.93
N GLU A 168 -8.33 -0.87 16.79
CA GLU A 168 -7.35 0.10 17.25
C GLU A 168 -7.17 1.26 16.26
N LEU A 169 -7.35 1.00 14.97
CA LEU A 169 -7.41 2.10 14.01
C LEU A 169 -8.59 3.01 14.33
N GLU A 170 -9.70 2.38 14.71
CA GLU A 170 -10.92 3.08 15.06
C GLU A 170 -10.78 3.95 16.32
N VAL A 171 -10.26 3.38 17.40
CA VAL A 171 -10.19 4.11 18.67
C VAL A 171 -9.18 5.26 18.61
N ASN A 172 -8.18 5.13 17.74
CA ASN A 172 -7.20 6.19 17.56
C ASN A 172 -7.57 7.19 16.46
N GLY A 173 -8.77 7.03 15.89
CA GLY A 173 -9.27 7.97 14.91
C GLY A 173 -8.44 8.07 13.64
N ILE A 174 -7.88 6.96 13.20
CA ILE A 174 -7.09 6.96 11.98
C ILE A 174 -8.00 6.80 10.76
N GLU A 175 -8.05 7.85 9.95
CA GLU A 175 -8.94 7.89 8.80
C GLU A 175 -8.31 7.27 7.57
N PHE A 176 -8.25 5.95 7.54
CA PHE A 176 -7.72 5.26 6.37
C PHE A 176 -8.77 5.19 5.27
N TYR A 177 -8.31 4.95 4.04
CA TYR A 177 -9.21 4.82 2.89
C TYR A 177 -9.86 3.44 2.89
N PRO A 178 -11.17 3.36 2.60
CA PRO A 178 -12.08 4.46 2.25
C PRO A 178 -12.61 5.21 3.46
N GLN A 179 -12.33 6.50 3.54
CA GLN A 179 -12.77 7.31 4.66
C GLN A 179 -14.31 7.29 4.65
N LYS A 180 -14.90 7.01 5.80
CA LYS A 180 -16.34 6.75 5.92
C LYS A 180 -17.22 7.84 5.29
N GLU A 181 -16.74 9.08 5.35
CA GLU A 181 -17.51 10.23 4.89
C GLU A 181 -17.42 10.49 3.38
N PHE A 182 -16.97 9.50 2.61
CA PHE A 182 -16.78 9.69 1.18
C PHE A 182 -17.57 8.68 0.35
N ASP A 183 -18.65 8.15 0.91
CA ASP A 183 -19.53 7.25 0.18
C ASP A 183 -20.89 7.88 -0.05
N ASP A 188 -23.12 1.21 -2.31
CA ASP A 188 -21.74 1.68 -2.19
C ASP A 188 -21.25 1.58 -0.75
N LYS A 189 -22.04 2.09 0.18
CA LYS A 189 -21.73 1.98 1.61
C LYS A 189 -21.84 0.53 2.07
N THR A 190 -22.70 -0.23 1.40
CA THR A 190 -22.79 -1.67 1.63
C THR A 190 -21.46 -2.33 1.25
N GLU A 191 -20.96 -1.99 0.08
CA GLU A 191 -19.69 -2.52 -0.40
C GLU A 191 -18.53 -2.03 0.45
N ASN A 192 -18.57 -0.76 0.85
CA ASN A 192 -17.48 -0.15 1.62
C ASN A 192 -17.43 -0.64 3.06
N ASP A 193 -18.60 -0.79 3.69
CA ASP A 193 -18.66 -1.32 5.05
C ASP A 193 -18.06 -2.71 5.07
N LYS A 194 -18.38 -3.50 4.04
CA LYS A 194 -17.74 -4.79 3.86
C LYS A 194 -16.21 -4.64 3.78
N ILE A 195 -15.75 -3.57 3.13
CA ILE A 195 -14.31 -3.31 3.00
C ILE A 195 -13.67 -2.93 4.33
N ARG A 196 -14.20 -1.90 4.98
CA ARG A 196 -13.63 -1.41 6.23
C ARG A 196 -13.73 -2.41 7.38
N GLN A 197 -14.78 -3.23 7.37
CA GLN A 197 -15.07 -4.11 8.51
C GLN A 197 -14.72 -5.58 8.27
N GLU A 198 -14.51 -5.96 7.01
CA GLU A 198 -14.21 -7.36 6.71
C GLU A 198 -12.95 -7.52 5.87
N SER A 199 -12.86 -6.78 4.77
CA SER A 199 -11.73 -6.91 3.85
C SER A 199 -10.43 -6.34 4.42
N MET A 200 -10.53 -5.18 5.08
CA MET A 200 -9.35 -4.52 5.64
C MET A 200 -9.14 -4.84 7.12
N PRO A 201 -7.88 -4.91 7.56
CA PRO A 201 -6.68 -4.74 6.74
C PRO A 201 -6.42 -5.98 5.87
N PHE A 202 -5.94 -5.77 4.66
CA PHE A 202 -5.63 -6.88 3.77
C PHE A 202 -4.41 -7.64 4.28
N ALA A 203 -4.60 -8.92 4.57
CA ALA A 203 -3.51 -9.76 5.03
C ALA A 203 -2.80 -10.35 3.82
N VAL A 204 -1.56 -9.94 3.57
CA VAL A 204 -0.93 -10.32 2.31
C VAL A 204 0.35 -11.14 2.46
N VAL A 205 0.65 -11.89 1.40
CA VAL A 205 1.92 -12.58 1.24
C VAL A 205 2.52 -12.11 -0.08
N GLY A 206 3.82 -11.85 -0.09
CA GLY A 206 4.48 -11.41 -1.30
C GLY A 206 5.50 -12.44 -1.75
N SER A 207 5.69 -12.53 -3.06
CA SER A 207 6.70 -13.38 -3.67
C SER A 207 6.77 -13.10 -5.16
N ASP A 208 7.98 -12.97 -5.69
CA ASP A 208 8.12 -12.89 -7.14
C ASP A 208 8.77 -14.17 -7.65
N LYS A 209 8.73 -15.22 -6.83
CA LYS A 209 9.20 -16.54 -7.24
C LYS A 209 8.00 -17.41 -7.61
N GLU A 210 8.14 -18.23 -8.66
CA GLU A 210 7.03 -19.07 -9.10
C GLU A 210 7.27 -20.56 -8.82
N TYR A 211 6.19 -21.26 -8.52
CA TYR A 211 6.22 -22.70 -8.27
C TYR A 211 5.05 -23.39 -8.95
N GLN A 212 5.09 -24.73 -8.95
CA GLN A 212 4.05 -25.55 -9.56
C GLN A 212 3.13 -26.17 -8.52
N VAL A 213 1.84 -25.86 -8.60
CA VAL A 213 0.87 -26.49 -7.73
C VAL A 213 -0.27 -27.05 -8.56
N ASN A 214 -0.42 -28.38 -8.53
CA ASN A 214 -1.43 -29.08 -9.32
C ASN A 214 -1.33 -28.73 -10.80
N GLY A 215 -0.10 -28.54 -11.28
CA GLY A 215 0.13 -28.26 -12.68
C GLY A 215 0.18 -26.78 -13.03
N LYS A 216 -0.27 -25.93 -12.13
CA LYS A 216 -0.35 -24.49 -12.41
C LYS A 216 0.86 -23.72 -11.89
N ARG A 217 1.51 -22.93 -12.77
CA ARG A 217 2.55 -22.00 -12.33
CA ARG A 217 2.55 -22.01 -12.32
C ARG A 217 1.92 -20.92 -11.47
N VAL A 218 2.36 -20.81 -10.21
CA VAL A 218 1.80 -19.81 -9.32
C VAL A 218 2.89 -19.05 -8.58
N LEU A 219 2.65 -17.79 -8.28
CA LEU A 219 3.53 -17.02 -7.41
C LEU A 219 3.41 -17.56 -6.01
N GLY A 220 4.53 -17.83 -5.36
CA GLY A 220 4.49 -18.36 -4.01
C GLY A 220 5.78 -18.44 -3.24
N ARG A 221 5.69 -18.95 -2.02
CA ARG A 221 6.85 -19.20 -1.17
C ARG A 221 6.89 -20.68 -0.83
N LYS A 222 8.05 -21.31 -1.03
CA LYS A 222 8.18 -22.74 -0.77
C LYS A 222 8.83 -23.01 0.59
N THR A 223 8.04 -23.58 1.50
CA THR A 223 8.51 -23.97 2.83
C THR A 223 8.68 -25.48 2.91
N PRO A 224 9.43 -25.97 3.91
CA PRO A 224 9.60 -27.42 4.08
C PRO A 224 8.30 -28.18 4.39
N TRP A 225 7.25 -27.46 4.77
CA TRP A 225 5.98 -28.09 5.11
C TRP A 225 4.89 -27.77 4.09
N GLY A 226 5.21 -26.99 3.07
CA GLY A 226 4.25 -26.69 2.03
C GLY A 226 4.53 -25.41 1.24
N ILE A 227 3.73 -25.20 0.19
CA ILE A 227 3.87 -24.02 -0.64
C ILE A 227 2.74 -23.03 -0.37
N ILE A 228 3.13 -21.80 -0.04
CA ILE A 228 2.20 -20.70 0.19
C ILE A 228 1.90 -20.00 -1.13
N GLU A 229 0.64 -19.95 -1.53
CA GLU A 229 0.29 -19.37 -2.83
C GLU A 229 -0.22 -17.93 -2.67
N VAL A 230 0.48 -16.99 -3.30
CA VAL A 230 0.19 -15.56 -3.17
C VAL A 230 -1.21 -15.18 -3.66
N GLU A 231 -1.65 -15.74 -4.78
CA GLU A 231 -2.93 -15.33 -5.35
C GLU A 231 -4.07 -16.29 -5.02
N ASN A 232 -3.84 -17.14 -4.01
CA ASN A 232 -4.86 -18.10 -3.56
C ASN A 232 -5.60 -17.56 -2.33
N LEU A 233 -6.88 -17.26 -2.49
CA LEU A 233 -7.66 -16.66 -1.40
C LEU A 233 -7.79 -17.57 -0.17
N ASN A 234 -7.49 -18.86 -0.33
CA ASN A 234 -7.47 -19.75 0.81
C ASN A 234 -6.20 -19.57 1.65
N HIS A 235 -5.23 -18.84 1.10
CA HIS A 235 -3.96 -18.63 1.80
C HIS A 235 -3.78 -17.19 2.26
N CYS A 236 -4.09 -16.24 1.39
CA CYS A 236 -3.95 -14.83 1.77
C CYS A 236 -4.84 -13.93 0.93
N GLU A 237 -4.79 -12.63 1.21
CA GLU A 237 -5.71 -11.68 0.58
C GLU A 237 -5.02 -10.73 -0.40
N PHE A 238 -3.86 -11.12 -0.91
CA PHE A 238 -3.18 -10.29 -1.91
C PHE A 238 -4.06 -10.05 -3.14
N ALA A 239 -4.81 -11.08 -3.55
CA ALA A 239 -5.70 -10.95 -4.70
C ALA A 239 -6.76 -9.86 -4.47
N LEU A 240 -7.28 -9.81 -3.26
CA LEU A 240 -8.29 -8.80 -2.92
C LEU A 240 -7.69 -7.40 -2.92
N LEU A 241 -6.47 -7.28 -2.41
CA LEU A 241 -5.77 -5.99 -2.39
C LEU A 241 -5.52 -5.50 -3.80
N ARG A 242 -4.95 -6.37 -4.63
CA ARG A 242 -4.67 -6.02 -6.02
C ARG A 242 -5.93 -5.59 -6.78
N ASP A 243 -7.00 -6.36 -6.63
CA ASP A 243 -8.26 -6.03 -7.30
C ASP A 243 -8.76 -4.66 -6.84
N PHE A 244 -8.66 -4.43 -5.53
CA PHE A 244 -9.15 -3.21 -4.91
C PHE A 244 -8.46 -1.96 -5.45
N VAL A 245 -7.13 -1.97 -5.47
CA VAL A 245 -6.37 -0.77 -5.84
C VAL A 245 -6.25 -0.58 -7.35
N ILE A 246 -6.19 -1.68 -8.09
CA ILE A 246 -5.97 -1.61 -9.53
C ILE A 246 -7.28 -1.53 -10.33
N ARG A 247 -8.33 -2.18 -9.86
CA ARG A 247 -9.57 -2.22 -10.63
C ARG A 247 -10.70 -1.41 -10.02
N THR A 248 -11.22 -1.84 -8.87
CA THR A 248 -12.49 -1.32 -8.39
C THR A 248 -12.42 0.09 -7.80
N HIS A 249 -11.31 0.44 -7.15
CA HIS A 249 -11.23 1.72 -6.45
C HIS A 249 -10.14 2.67 -6.96
N LEU A 250 -9.55 2.35 -8.11
CA LEU A 250 -8.46 3.17 -8.64
C LEU A 250 -8.90 4.61 -8.92
N GLN A 251 -10.00 4.77 -9.67
CA GLN A 251 -10.45 6.12 -10.01
C GLN A 251 -10.85 6.89 -8.76
N ASP A 252 -11.49 6.21 -7.83
CA ASP A 252 -11.94 6.84 -6.58
C ASP A 252 -10.73 7.29 -5.74
N LEU A 253 -9.67 6.50 -5.72
CA LEU A 253 -8.44 6.89 -5.05
C LEU A 253 -7.85 8.16 -5.65
N LYS A 254 -7.85 8.23 -6.98
CA LYS A 254 -7.36 9.42 -7.68
C LYS A 254 -8.24 10.64 -7.40
N GLU A 255 -9.55 10.42 -7.30
CA GLU A 255 -10.49 11.52 -7.07
C GLU A 255 -10.31 12.15 -5.68
N VAL A 256 -10.17 11.31 -4.66
CA VAL A 256 -9.99 11.82 -3.30
C VAL A 256 -8.65 12.53 -3.21
N THR A 257 -7.63 11.98 -3.86
CA THR A 257 -6.31 12.61 -3.88
C THR A 257 -6.38 14.02 -4.47
N HIS A 258 -7.03 14.17 -5.61
CA HIS A 258 -7.07 15.45 -6.29
C HIS A 258 -7.99 16.46 -5.58
N ASN A 259 -9.20 16.03 -5.27
CA ASN A 259 -10.23 16.95 -4.76
C ASN A 259 -10.14 17.25 -3.26
N ILE A 260 -9.55 16.33 -2.50
CA ILE A 260 -9.44 16.50 -1.05
C ILE A 260 -8.01 16.79 -0.60
N HIS A 261 -7.11 15.83 -0.77
CA HIS A 261 -5.74 15.95 -0.25
C HIS A 261 -4.95 17.06 -0.94
N TYR A 262 -4.96 17.07 -2.27
CA TYR A 262 -4.22 18.06 -3.03
C TYR A 262 -4.80 19.47 -2.80
N GLU A 263 -6.11 19.55 -2.60
CA GLU A 263 -6.73 20.84 -2.33
C GLU A 263 -6.38 21.32 -0.93
N THR A 264 -6.29 20.38 0.01
CA THR A 264 -5.82 20.69 1.35
C THR A 264 -4.40 21.23 1.27
N TYR A 265 -3.56 20.60 0.45
CA TYR A 265 -2.20 21.08 0.24
C TYR A 265 -2.20 22.47 -0.38
N ARG A 266 -2.99 22.65 -1.44
CA ARG A 266 -3.03 23.91 -2.17
C ARG A 266 -3.44 25.08 -1.26
N ALA A 267 -4.39 24.84 -0.37
CA ALA A 267 -4.87 25.87 0.54
C ALA A 267 -3.84 26.21 1.61
N LYS A 268 -3.12 25.20 2.08
CA LYS A 268 -2.12 25.38 3.13
C LYS A 268 -0.93 26.21 2.63
N ARG A 269 -0.73 26.22 1.32
CA ARG A 269 0.35 27.01 0.72
C ARG A 269 0.11 28.51 0.94
#